data_4XY8
#
_entry.id   4XY8
#
_cell.length_a   80.716
_cell.length_b   43.604
_cell.length_c   40.880
_cell.angle_alpha   90.000
_cell.angle_beta   104.340
_cell.angle_gamma   90.000
#
_symmetry.space_group_name_H-M   'C 1 2 1'
#
loop_
_entity.id
_entity.type
_entity.pdbx_description
1 polymer 'Bromodomain-containing protein 9'
2 non-polymer 6-(5-bromo-2-methoxyphenyl)-9H-purin-2-amine
3 non-polymer 'BROMIDE ION'
4 water water
#
_entity_poly.entity_id   1
_entity_poly.type   'polypeptide(L)'
_entity_poly.pdbx_seq_one_letter_code
;SMLKLSAENESTPIQQLLEHFLRQLQRKDPHGFFAFPVTDAIAPGYSMIIKHPMDFGTMKDKIVANEYKSVTEFKADFKL
MCDNAMTYNRPDTVYYKLAKKILHAGFKMMSKERLLALKRSMS
;
_entity_poly.pdbx_strand_id   A
#
loop_
_chem_comp.id
_chem_comp.type
_chem_comp.name
_chem_comp.formula
43U non-polymer 6-(5-bromo-2-methoxyphenyl)-9H-purin-2-amine 'C12 H10 Br N5 O'
BR non-polymer 'BROMIDE ION' 'Br -1'
#
# COMPACT_ATOMS: atom_id res chain seq x y z
N SER A 11 13.25 -10.01 13.21
CA SER A 11 13.03 -8.78 12.39
C SER A 11 13.61 -7.54 13.08
N THR A 12 13.98 -6.57 12.28
CA THR A 12 14.56 -5.34 12.81
C THR A 12 13.43 -4.35 13.16
N PRO A 13 13.73 -3.31 13.93
CA PRO A 13 12.70 -2.32 14.21
C PRO A 13 12.05 -1.73 12.97
N ILE A 14 12.80 -1.40 11.92
CA ILE A 14 12.17 -0.86 10.68
C ILE A 14 11.23 -1.89 10.06
N GLN A 15 11.63 -3.18 9.99
CA GLN A 15 10.71 -4.22 9.50
C GLN A 15 9.42 -4.26 10.36
N GLN A 16 9.56 -4.15 11.68
CA GLN A 16 8.40 -4.24 12.54
C GLN A 16 7.46 -3.03 12.38
N LEU A 17 8.04 -1.84 12.21
CA LEU A 17 7.25 -0.66 11.90
C LEU A 17 6.48 -0.78 10.60
N LEU A 18 7.15 -1.24 9.56
CA LEU A 18 6.47 -1.44 8.27
C LEU A 18 5.41 -2.51 8.35
N GLU A 19 5.69 -3.61 9.05
CA GLU A 19 4.63 -4.63 9.29
C GLU A 19 3.42 -4.04 10.00
N HIS A 20 3.68 -3.15 10.98
CA HIS A 20 2.63 -2.41 11.65
C HIS A 20 1.78 -1.58 10.73
N PHE A 21 2.43 -0.77 9.89
CA PHE A 21 1.72 0.03 8.92
C PHE A 21 0.89 -0.84 7.95
N LEU A 22 1.50 -1.90 7.47
CA LEU A 22 0.86 -2.81 6.54
C LEU A 22 -0.35 -3.48 7.16
N ARG A 23 -0.23 -3.95 8.41
CA ARG A 23 -1.39 -4.49 9.08
C ARG A 23 -2.51 -3.49 9.22
N GLN A 24 -2.18 -2.26 9.58
CA GLN A 24 -3.22 -1.24 9.73
C GLN A 24 -3.87 -0.90 8.41
N LEU A 25 -3.10 -0.89 7.33
CA LEU A 25 -3.67 -0.60 6.03
C LEU A 25 -4.55 -1.73 5.53
N GLN A 26 -4.12 -2.96 5.73
CA GLN A 26 -4.89 -4.10 5.29
C GLN A 26 -6.21 -4.23 6.02
N ARG A 27 -6.29 -3.71 7.23
CA ARG A 27 -7.57 -3.69 7.95
C ARG A 27 -8.63 -2.89 7.23
N LYS A 28 -8.19 -1.95 6.40
CA LYS A 28 -9.07 -1.11 5.58
C LYS A 28 -9.55 -1.83 4.29
N ASP A 29 -9.03 -3.04 4.05
CA ASP A 29 -9.39 -3.90 2.91
C ASP A 29 -9.84 -5.23 3.40
N PRO A 30 -10.95 -5.26 4.18
CA PRO A 30 -11.37 -6.51 4.78
C PRO A 30 -11.78 -7.60 3.77
N HIS A 31 -12.15 -7.19 2.56
CA HIS A 31 -12.57 -8.12 1.52
C HIS A 31 -11.42 -8.65 0.70
N GLY A 32 -10.23 -8.09 0.90
CA GLY A 32 -9.01 -8.66 0.32
C GLY A 32 -8.81 -8.39 -1.17
N PHE A 33 -9.39 -7.31 -1.67
CA PHE A 33 -9.22 -6.89 -3.08
C PHE A 33 -7.77 -6.47 -3.38
N PHE A 34 -7.03 -6.05 -2.36
CA PHE A 34 -5.64 -5.59 -2.51
C PHE A 34 -4.64 -6.57 -1.94
N ALA A 35 -5.09 -7.79 -1.64
CA ALA A 35 -4.27 -8.77 -0.94
C ALA A 35 -3.29 -9.53 -1.81
N PHE A 36 -3.55 -9.60 -3.10
CA PHE A 36 -2.74 -10.37 -4.06
C PHE A 36 -2.80 -9.66 -5.42
N PRO A 37 -1.90 -10.03 -6.35
CA PRO A 37 -1.87 -9.33 -7.66
C PRO A 37 -3.14 -9.49 -8.45
N VAL A 38 -3.58 -8.39 -9.06
CA VAL A 38 -4.74 -8.38 -9.98
C VAL A 38 -4.37 -9.12 -11.25
N THR A 39 -5.11 -10.14 -11.61
CA THR A 39 -4.85 -10.87 -12.86
C THR A 39 -5.69 -10.35 -13.99
N ASP A 40 -5.30 -10.66 -15.22
CA ASP A 40 -6.13 -10.31 -16.35
C ASP A 40 -7.45 -11.05 -16.42
N ALA A 41 -7.48 -12.25 -15.81
CA ALA A 41 -8.75 -12.99 -15.70
C ALA A 41 -9.74 -12.22 -14.84
N ILE A 42 -9.23 -11.66 -13.77
CA ILE A 42 -10.07 -10.85 -12.83
C ILE A 42 -10.43 -9.48 -13.43
N ALA A 43 -9.48 -8.83 -14.10
CA ALA A 43 -9.56 -7.47 -14.58
C ALA A 43 -9.05 -7.43 -16.05
N PRO A 44 -9.98 -7.59 -17.01
CA PRO A 44 -9.60 -7.69 -18.41
C PRO A 44 -8.72 -6.56 -18.86
N GLY A 45 -7.66 -6.92 -19.55
CA GLY A 45 -6.73 -5.91 -20.08
C GLY A 45 -5.81 -5.24 -19.07
N TYR A 46 -5.86 -5.64 -17.79
CA TYR A 46 -5.08 -4.95 -16.76
C TYR A 46 -3.56 -4.82 -17.11
N SER A 47 -2.96 -5.91 -17.58
CA SER A 47 -1.53 -5.93 -17.88
C SER A 47 -1.18 -5.04 -19.06
N MET A 48 -2.15 -4.69 -19.90
CA MET A 48 -1.94 -3.74 -20.99
C MET A 48 -1.98 -2.29 -20.56
N ILE A 49 -2.51 -2.03 -19.37
CA ILE A 49 -2.74 -0.67 -18.87
CA ILE A 49 -2.74 -0.67 -18.87
C ILE A 49 -1.75 -0.32 -17.74
N ILE A 50 -1.47 -1.28 -16.86
CA ILE A 50 -0.70 -1.06 -15.68
C ILE A 50 0.68 -1.71 -15.81
N LYS A 51 1.71 -0.86 -15.81
CA LYS A 51 3.08 -1.27 -16.11
C LYS A 51 3.77 -1.94 -14.92
N HIS A 52 3.46 -1.43 -13.73
CA HIS A 52 4.16 -1.78 -12.49
C HIS A 52 3.15 -2.16 -11.41
N PRO A 53 2.67 -3.41 -11.45
CA PRO A 53 1.67 -3.88 -10.47
C PRO A 53 2.24 -3.91 -9.04
N MET A 54 1.36 -3.72 -8.07
CA MET A 54 1.73 -3.86 -6.67
C MET A 54 0.49 -4.25 -5.88
N ASP A 55 0.72 -4.95 -4.76
CA ASP A 55 -0.36 -5.36 -3.87
C ASP A 55 0.21 -5.56 -2.47
N PHE A 56 -0.67 -5.72 -1.49
CA PHE A 56 -0.24 -5.80 -0.10
C PHE A 56 0.58 -7.09 0.15
N GLY A 57 0.24 -8.20 -0.53
CA GLY A 57 1.03 -9.40 -0.32
C GLY A 57 2.47 -9.26 -0.78
N THR A 58 2.66 -8.69 -1.96
CA THR A 58 3.99 -8.39 -2.48
C THR A 58 4.73 -7.49 -1.52
N MET A 59 4.05 -6.46 -0.99
CA MET A 59 4.70 -5.63 -0.01
C MET A 59 5.14 -6.40 1.21
N LYS A 60 4.29 -7.26 1.75
CA LYS A 60 4.65 -8.11 2.89
C LYS A 60 5.90 -8.92 2.56
N ASP A 61 5.93 -9.54 1.38
CA ASP A 61 7.12 -10.29 0.97
C ASP A 61 8.38 -9.42 0.89
N LYS A 62 8.24 -8.20 0.39
CA LYS A 62 9.37 -7.29 0.33
C LYS A 62 9.83 -6.92 1.74
N ILE A 63 8.92 -6.79 2.70
CA ILE A 63 9.38 -6.44 4.08
C ILE A 63 10.20 -7.62 4.61
N VAL A 64 9.65 -8.80 4.48
CA VAL A 64 10.27 -10.07 4.96
C VAL A 64 11.60 -10.27 4.27
N ALA A 65 11.68 -9.94 2.99
CA ALA A 65 12.94 -10.07 2.24
C ALA A 65 13.90 -8.90 2.51
N ASN A 66 13.56 -8.07 3.49
CA ASN A 66 14.33 -6.89 3.87
C ASN A 66 14.67 -5.97 2.70
N GLU A 67 13.69 -5.73 1.83
CA GLU A 67 13.85 -4.95 0.61
C GLU A 67 13.52 -3.46 0.75
N TYR A 68 12.93 -3.04 1.86
CA TYR A 68 12.69 -1.63 2.12
C TYR A 68 13.68 -1.07 3.14
N LYS A 69 14.38 -0.04 2.74
CA LYS A 69 15.36 0.60 3.62
C LYS A 69 14.75 1.66 4.53
N SER A 70 13.57 2.12 4.17
CA SER A 70 12.97 3.29 4.80
C SER A 70 11.45 3.26 4.65
N VAL A 71 10.79 4.11 5.47
CA VAL A 71 9.38 4.31 5.34
C VAL A 71 9.07 4.93 3.97
N THR A 72 9.96 5.82 3.50
CA THR A 72 9.80 6.44 2.18
C THR A 72 9.67 5.39 1.09
N GLU A 73 10.53 4.38 1.10
CA GLU A 73 10.46 3.31 0.07
C GLU A 73 9.16 2.48 0.17
N PHE A 74 8.77 2.16 1.40
CA PHE A 74 7.48 1.46 1.61
C PHE A 74 6.29 2.26 1.11
N LYS A 75 6.26 3.53 1.48
CA LYS A 75 5.16 4.41 1.15
C LYS A 75 5.07 4.57 -0.37
N ALA A 76 6.19 4.56 -1.05
CA ALA A 76 6.15 4.62 -2.52
C ALA A 76 5.43 3.38 -3.14
N ASP A 77 5.64 2.19 -2.62
CA ASP A 77 4.93 1.00 -3.10
C ASP A 77 3.46 1.08 -2.78
N PHE A 78 3.14 1.58 -1.60
CA PHE A 78 1.75 1.72 -1.21
C PHE A 78 1.02 2.70 -2.15
N LYS A 79 1.68 3.82 -2.42
CA LYS A 79 1.15 4.82 -3.34
C LYS A 79 0.94 4.24 -4.73
N LEU A 80 1.89 3.46 -5.19
CA LEU A 80 1.81 2.82 -6.52
C LEU A 80 0.58 1.89 -6.60
N MET A 81 0.39 1.09 -5.55
CA MET A 81 -0.77 0.19 -5.50
C MET A 81 -2.07 0.97 -5.65
N CYS A 82 -2.24 2.04 -4.86
CA CYS A 82 -3.48 2.82 -4.91
C CYS A 82 -3.60 3.53 -6.27
N ASP A 83 -2.50 4.12 -6.77
CA ASP A 83 -2.48 4.82 -8.06
C ASP A 83 -2.90 3.86 -9.21
N ASN A 84 -2.39 2.62 -9.18
CA ASN A 84 -2.77 1.65 -10.19
C ASN A 84 -4.26 1.41 -10.22
N ALA A 85 -4.82 1.19 -9.04
CA ALA A 85 -6.27 0.98 -8.91
C ALA A 85 -7.10 2.18 -9.42
N MET A 86 -6.59 3.39 -9.16
CA MET A 86 -7.27 4.63 -9.51
C MET A 86 -7.01 5.00 -10.97
N THR A 87 -6.13 4.26 -11.65
CA THR A 87 -5.84 4.42 -13.09
C THR A 87 -6.68 3.47 -13.94
N TYR A 88 -6.66 2.19 -13.58
CA TYR A 88 -7.39 1.18 -14.31
C TYR A 88 -8.91 1.34 -14.14
N ASN A 89 -9.34 1.65 -12.92
CA ASN A 89 -10.76 1.67 -12.59
C ASN A 89 -11.30 3.10 -12.62
N ARG A 90 -12.55 3.25 -13.09
CA ARG A 90 -13.19 4.56 -13.10
C ARG A 90 -13.65 4.99 -11.71
N PRO A 91 -13.87 6.32 -11.52
CA PRO A 91 -14.17 6.81 -10.18
C PRO A 91 -15.44 6.26 -9.52
N ASP A 92 -16.40 5.77 -10.30
CA ASP A 92 -17.63 5.26 -9.71
C ASP A 92 -17.56 3.79 -9.21
N THR A 93 -16.40 3.16 -9.33
CA THR A 93 -16.21 1.78 -9.01
C THR A 93 -15.83 1.50 -7.55
N VAL A 94 -16.18 0.29 -7.10
CA VAL A 94 -15.74 -0.21 -5.77
C VAL A 94 -14.25 -0.02 -5.59
N TYR A 95 -13.48 -0.39 -6.61
CA TYR A 95 -12.04 -0.49 -6.49
C TYR A 95 -11.36 0.85 -6.42
N TYR A 96 -11.87 1.80 -7.17
CA TYR A 96 -11.34 3.17 -7.14
C TYR A 96 -11.61 3.77 -5.74
N LYS A 97 -12.84 3.62 -5.29
CA LYS A 97 -13.25 4.22 -4.01
C LYS A 97 -12.50 3.62 -2.86
N LEU A 98 -12.28 2.32 -2.90
CA LEU A 98 -11.52 1.63 -1.84
C LEU A 98 -10.05 2.05 -1.89
N ALA A 99 -9.51 2.11 -3.08
CA ALA A 99 -8.11 2.58 -3.22
C ALA A 99 -7.94 3.98 -2.63
N LYS A 100 -8.88 4.87 -2.91
CA LYS A 100 -8.80 6.24 -2.40
C LYS A 100 -8.89 6.30 -0.87
N LYS A 101 -9.78 5.48 -0.33
CA LYS A 101 -9.92 5.36 1.12
C LYS A 101 -8.62 4.90 1.78
N ILE A 102 -7.99 3.85 1.22
CA ILE A 102 -6.74 3.30 1.69
C ILE A 102 -5.64 4.35 1.52
N LEU A 103 -5.60 5.02 0.37
CA LEU A 103 -4.57 6.01 0.09
C LEU A 103 -4.60 7.09 1.16
N HIS A 104 -5.78 7.64 1.40
CA HIS A 104 -5.91 8.70 2.40
C HIS A 104 -5.51 8.22 3.80
N ALA A 105 -5.99 7.04 4.17
CA ALA A 105 -5.56 6.43 5.45
C ALA A 105 -4.02 6.30 5.58
N GLY A 106 -3.34 5.89 4.53
CA GLY A 106 -1.91 5.68 4.52
C GLY A 106 -1.15 6.99 4.57
N PHE A 107 -1.64 7.98 3.81
CA PHE A 107 -0.98 9.29 3.84
C PHE A 107 -1.10 9.97 5.17
N LYS A 108 -2.18 9.72 5.90
CA LYS A 108 -2.31 10.22 7.25
C LYS A 108 -1.37 9.44 8.21
N MET A 109 -1.44 8.12 8.14
CA MET A 109 -0.65 7.24 9.00
C MET A 109 0.87 7.47 8.86
N MET A 110 1.34 7.74 7.64
CA MET A 110 2.75 7.88 7.33
C MET A 110 3.13 9.33 6.96
N SER A 111 2.39 10.27 7.51
CA SER A 111 2.65 11.67 7.30
C SER A 111 3.89 12.10 8.01
N LYS A 112 4.48 13.21 7.57
CA LYS A 112 5.63 13.81 8.28
C LYS A 112 5.29 14.12 9.73
N GLU A 113 4.08 14.62 10.00
CA GLU A 113 3.72 14.94 11.36
C GLU A 113 3.61 13.66 12.25
N ARG A 114 2.98 12.60 11.73
CA ARG A 114 2.87 11.30 12.46
CA ARG A 114 2.86 11.39 12.50
C ARG A 114 4.26 10.78 12.74
N LEU A 115 5.12 10.78 11.71
CA LEU A 115 6.48 10.23 11.89
C LEU A 115 7.30 11.06 12.88
N LEU A 116 7.12 12.37 12.85
CA LEU A 116 7.79 13.26 13.86
C LEU A 116 7.35 12.93 15.29
N ALA A 117 6.08 12.63 15.48
CA ALA A 117 5.54 12.24 16.79
C ALA A 117 6.19 10.95 17.24
N LEU A 118 6.35 10.00 16.31
CA LEU A 118 7.03 8.69 16.67
C LEU A 118 8.49 8.96 17.03
N LYS A 119 9.15 9.78 16.24
CA LYS A 119 10.53 10.16 16.53
C LYS A 119 10.70 10.83 17.87
N ARG A 120 9.77 11.71 18.27
CA ARG A 120 9.82 12.32 19.60
C ARG A 120 9.80 11.31 20.73
N SER A 121 9.01 10.26 20.57
CA SER A 121 8.85 9.26 21.61
C SER A 121 10.07 8.34 21.64
N MET A 122 10.80 8.29 20.53
CA MET A 122 12.10 7.56 20.49
C MET A 122 13.27 8.37 20.95
N SER A 123 13.02 9.34 21.80
CA SER A 123 14.09 10.00 22.48
C SER A 123 13.97 9.58 23.95
C4 43U B . -11.92 -8.99 -7.52
C5 43U B . -11.58 -7.80 -8.13
C6 43U B . -10.20 -7.39 -8.03
C11 43U B . -7.33 -4.05 -6.99
C7 43U B . -9.79 -6.12 -8.59
C8 43U B . -8.88 -5.22 -8.07
C9 43U B . -8.66 -4.02 -8.70
C10 43U B . -10.24 -4.47 -10.26
N1 43U B . -10.96 -4.13 -11.34
N2 43U B . -10.49 -5.64 -9.68
C3 43U B . -11.07 -9.79 -6.80
N3 43U B . -7.71 -3.31 -8.04
BR 43U B . -13.69 -9.60 -7.73
C2 43U B . -9.73 -9.41 -6.69
C1 43U B . -9.34 -8.23 -7.27
O 43U B . -8.05 -7.84 -7.25
C 43U B . -6.99 -8.73 -6.79
N 43U B . -9.34 -3.64 -9.79
N4 43U B . -7.99 -5.20 -6.97
BR BR C . -17.36 -1.92 -9.45
#